data_1JG4
#
_entry.id   1JG4
#
_cell.length_a   39.502
_cell.length_b   52.701
_cell.length_c   97.739
_cell.angle_alpha   90.00
_cell.angle_beta   90.00
_cell.angle_gamma   90.00
#
_symmetry.space_group_name_H-M   'P 21 21 21'
#
loop_
_entity.id
_entity.type
_entity.pdbx_description
1 polymer 'protein-L-isoaspartate O-methyltransferase'
2 non-polymer S-ADENOSYLMETHIONINE
3 water water
#
_entity_poly.entity_id   1
_entity_poly.type   'polypeptide(L)'
_entity_poly.pdbx_seq_one_letter_code
;MHLYSSDFPLMMDEKELYEKWMRTVEMLKAEGIIRSKEVERAFLKYPRYLSVEDKYKKYAHIDEPLPIPAGQTVSAPHMV
AIMLEIANLKPGMNILEVGTGSGWNAALISEIVKTDVYTIERIPELVEFAKRNLERAGVKNVHVILGDGSKGFPPKAPYD
VIIVTAGAPKIPEPLIEQLKIGGKLIIPVGSYHLWQELLEVRKTKDGIKIKNHGGVAFVPLIGEYGWKEHHHHHH
;
_entity_poly.pdbx_strand_id   A
#
# COMPACT_ATOMS: atom_id res chain seq x y z
N GLU A 14 -16.89 17.25 -7.44
CA GLU A 14 -16.56 15.99 -6.72
C GLU A 14 -17.66 14.96 -6.90
N LYS A 15 -18.89 15.44 -7.07
CA LYS A 15 -20.04 14.55 -7.25
C LYS A 15 -19.88 13.74 -8.54
N GLU A 16 -19.39 14.39 -9.58
CA GLU A 16 -19.18 13.73 -10.87
C GLU A 16 -18.04 12.72 -10.73
N LEU A 17 -16.98 13.12 -10.04
CA LEU A 17 -15.83 12.26 -9.83
C LEU A 17 -16.20 11.02 -9.03
N TYR A 18 -17.06 11.19 -8.03
CA TYR A 18 -17.46 10.05 -7.20
C TYR A 18 -18.32 9.09 -7.99
N GLU A 19 -19.14 9.60 -8.90
CA GLU A 19 -19.99 8.75 -9.71
C GLU A 19 -19.13 7.82 -10.55
N LYS A 20 -18.07 8.38 -11.14
CA LYS A 20 -17.16 7.59 -11.96
C LYS A 20 -16.43 6.56 -11.10
N TRP A 21 -16.07 6.97 -9.89
CA TRP A 21 -15.37 6.08 -8.97
C TRP A 21 -16.24 4.88 -8.56
N MET A 22 -17.52 5.12 -8.31
CA MET A 22 -18.41 4.03 -7.93
C MET A 22 -18.44 2.98 -9.04
N ARG A 23 -18.39 3.44 -10.28
CA ARG A 23 -18.40 2.53 -11.42
C ARG A 23 -17.12 1.70 -11.40
N THR A 24 -16.01 2.34 -11.04
CA THR A 24 -14.71 1.66 -10.98
C THR A 24 -14.75 0.54 -9.94
N VAL A 25 -15.32 0.84 -8.77
CA VAL A 25 -15.41 -0.15 -7.70
C VAL A 25 -16.29 -1.30 -8.15
N GLU A 26 -17.42 -0.97 -8.79
CA GLU A 26 -18.33 -2.00 -9.26
C GLU A 26 -17.62 -2.90 -10.26
N MET A 27 -16.79 -2.29 -11.11
CA MET A 27 -16.03 -3.03 -12.10
C MET A 27 -15.06 -4.00 -11.46
N LEU A 28 -14.33 -3.52 -10.44
CA LEU A 28 -13.36 -4.35 -9.75
C LEU A 28 -14.04 -5.54 -9.08
N LYS A 29 -15.26 -5.33 -8.59
CA LYS A 29 -16.02 -6.41 -7.96
C LYS A 29 -16.41 -7.42 -9.03
N ALA A 30 -16.89 -6.93 -10.16
CA ALA A 30 -17.31 -7.79 -11.27
C ALA A 30 -16.13 -8.59 -11.81
N GLU A 31 -14.94 -8.01 -11.75
CA GLU A 31 -13.74 -8.67 -12.24
C GLU A 31 -13.20 -9.67 -11.22
N GLY A 32 -13.78 -9.66 -10.03
CA GLY A 32 -13.33 -10.56 -8.99
C GLY A 32 -12.07 -10.05 -8.31
N ILE A 33 -11.76 -8.78 -8.52
CA ILE A 33 -10.57 -8.16 -7.93
C ILE A 33 -10.90 -7.77 -6.48
N ILE A 34 -12.03 -7.10 -6.30
CA ILE A 34 -12.47 -6.74 -4.96
C ILE A 34 -13.44 -7.87 -4.62
N ARG A 35 -13.13 -8.62 -3.56
CA ARG A 35 -13.96 -9.76 -3.18
C ARG A 35 -14.54 -9.71 -1.78
N SER A 36 -14.06 -8.78 -0.96
CA SER A 36 -14.56 -8.67 0.40
C SER A 36 -15.26 -7.33 0.59
N LYS A 37 -16.26 -7.29 1.46
CA LYS A 37 -16.99 -6.05 1.71
C LYS A 37 -16.09 -5.01 2.37
N GLU A 38 -15.10 -5.45 3.15
CA GLU A 38 -14.20 -4.53 3.83
C GLU A 38 -13.41 -3.69 2.82
N VAL A 39 -12.87 -4.34 1.79
CA VAL A 39 -12.11 -3.62 0.78
C VAL A 39 -13.04 -2.74 -0.06
N GLU A 40 -14.22 -3.25 -0.36
CA GLU A 40 -15.18 -2.46 -1.14
C GLU A 40 -15.54 -1.18 -0.37
N ARG A 41 -15.86 -1.34 0.92
CA ARG A 41 -16.21 -0.19 1.75
C ARG A 41 -15.07 0.81 1.86
N ALA A 42 -13.84 0.31 2.02
CA ALA A 42 -12.69 1.20 2.12
C ALA A 42 -12.54 2.01 0.84
N PHE A 43 -12.62 1.33 -0.30
CA PHE A 43 -12.51 2.01 -1.59
C PHE A 43 -13.57 3.09 -1.75
N LEU A 44 -14.81 2.80 -1.34
CA LEU A 44 -15.88 3.77 -1.46
C LEU A 44 -15.72 4.96 -0.51
N LYS A 45 -15.11 4.73 0.64
CA LYS A 45 -14.92 5.81 1.60
C LYS A 45 -13.80 6.77 1.18
N TYR A 46 -12.75 6.22 0.58
CA TYR A 46 -11.63 7.04 0.14
C TYR A 46 -11.31 6.87 -1.35
N PRO A 47 -12.05 7.60 -2.20
CA PRO A 47 -11.81 7.51 -3.64
C PRO A 47 -10.39 7.98 -3.96
N ARG A 48 -9.79 7.41 -5.00
CA ARG A 48 -8.44 7.78 -5.35
C ARG A 48 -8.24 9.25 -5.73
N TYR A 49 -9.28 9.93 -6.20
CA TYR A 49 -9.08 11.32 -6.58
C TYR A 49 -8.62 12.18 -5.40
N LEU A 50 -8.85 11.70 -4.19
CA LEU A 50 -8.44 12.44 -2.99
C LEU A 50 -6.94 12.41 -2.78
N SER A 51 -6.25 11.53 -3.49
CA SER A 51 -4.81 11.37 -3.32
C SER A 51 -3.90 11.91 -4.41
N VAL A 52 -4.47 12.40 -5.50
CA VAL A 52 -3.64 12.92 -6.58
C VAL A 52 -3.81 14.42 -6.80
N GLU A 53 -2.85 15.01 -7.50
CA GLU A 53 -2.89 16.44 -7.79
C GLU A 53 -4.07 16.72 -8.70
N ASP A 54 -4.63 17.91 -8.57
CA ASP A 54 -5.80 18.33 -9.35
C ASP A 54 -5.79 17.95 -10.82
N LYS A 55 -4.66 18.10 -11.50
CA LYS A 55 -4.57 17.79 -12.91
C LYS A 55 -4.74 16.31 -13.28
N TYR A 56 -4.72 15.43 -12.28
CA TYR A 56 -4.86 14.01 -12.54
C TYR A 56 -6.18 13.43 -12.03
N LYS A 57 -6.94 14.23 -11.29
CA LYS A 57 -8.20 13.76 -10.74
C LYS A 57 -9.17 13.23 -11.80
N LYS A 58 -9.09 13.79 -13.01
CA LYS A 58 -9.96 13.35 -14.09
C LYS A 58 -9.67 11.92 -14.54
N TYR A 59 -8.52 11.38 -14.12
CA TYR A 59 -8.14 10.03 -14.51
C TYR A 59 -8.13 9.06 -13.32
N ALA A 60 -8.43 9.57 -12.12
CA ALA A 60 -8.41 8.74 -10.92
C ALA A 60 -9.26 7.47 -10.97
N HIS A 61 -10.34 7.50 -11.74
CA HIS A 61 -11.24 6.35 -11.86
C HIS A 61 -10.76 5.32 -12.88
N ILE A 62 -9.79 5.69 -13.70
CA ILE A 62 -9.27 4.77 -14.70
C ILE A 62 -8.32 3.80 -14.00
N ASP A 63 -8.44 2.51 -14.31
CA ASP A 63 -7.59 1.53 -13.66
C ASP A 63 -6.19 1.53 -14.26
N GLU A 64 -5.42 2.53 -13.86
CA GLU A 64 -4.05 2.73 -14.33
C GLU A 64 -3.30 3.47 -13.22
N PRO A 65 -1.98 3.28 -13.15
CA PRO A 65 -1.24 4.00 -12.12
C PRO A 65 -1.20 5.47 -12.56
N LEU A 66 -0.97 6.38 -11.62
CA LEU A 66 -0.90 7.80 -11.96
C LEU A 66 0.30 8.43 -11.28
N PRO A 67 0.83 9.52 -11.85
CA PRO A 67 1.99 10.19 -11.26
C PRO A 67 1.67 10.97 -9.99
N ILE A 68 2.67 11.06 -9.12
CA ILE A 68 2.58 11.86 -7.90
C ILE A 68 3.94 12.55 -7.87
N PRO A 69 4.15 13.50 -6.96
CA PRO A 69 5.43 14.20 -6.89
C PRO A 69 6.69 13.34 -6.74
N ALA A 70 7.84 13.96 -7.02
CA ALA A 70 9.15 13.31 -6.90
C ALA A 70 9.38 12.06 -7.73
N GLY A 71 8.72 11.96 -8.88
CA GLY A 71 8.91 10.82 -9.77
C GLY A 71 8.33 9.48 -9.36
N GLN A 72 7.47 9.47 -8.36
CA GLN A 72 6.86 8.23 -7.91
C GLN A 72 5.44 8.18 -8.47
N THR A 73 4.65 7.20 -8.05
CA THR A 73 3.29 7.11 -8.57
C THR A 73 2.31 6.49 -7.57
N VAL A 74 1.03 6.70 -7.80
CA VAL A 74 0.02 6.08 -6.95
C VAL A 74 -0.38 4.86 -7.78
N SER A 75 -0.45 3.71 -7.13
CA SER A 75 -0.77 2.46 -7.82
C SER A 75 -2.14 2.41 -8.50
N ALA A 76 -2.27 1.51 -9.46
CA ALA A 76 -3.53 1.34 -10.17
C ALA A 76 -4.51 0.74 -9.18
N PRO A 77 -5.79 1.14 -9.26
CA PRO A 77 -6.80 0.62 -8.34
C PRO A 77 -6.80 -0.90 -8.17
N HIS A 78 -6.68 -1.65 -9.27
CA HIS A 78 -6.71 -3.12 -9.11
C HIS A 78 -5.52 -3.66 -8.32
N MET A 79 -4.36 -3.02 -8.45
CA MET A 79 -3.18 -3.49 -7.73
C MET A 79 -3.34 -3.25 -6.24
N VAL A 80 -3.88 -2.09 -5.90
CA VAL A 80 -4.09 -1.77 -4.49
C VAL A 80 -5.12 -2.75 -3.91
N ALA A 81 -6.17 -3.04 -4.68
CA ALA A 81 -7.20 -3.96 -4.23
C ALA A 81 -6.63 -5.37 -4.03
N ILE A 82 -5.85 -5.83 -5.01
CA ILE A 82 -5.26 -7.17 -4.93
C ILE A 82 -4.41 -7.30 -3.67
N MET A 83 -3.59 -6.30 -3.39
CA MET A 83 -2.74 -6.37 -2.22
C MET A 83 -3.52 -6.31 -0.92
N LEU A 84 -4.59 -5.51 -0.88
CA LEU A 84 -5.41 -5.46 0.33
C LEU A 84 -6.14 -6.78 0.55
N GLU A 85 -6.62 -7.41 -0.52
CA GLU A 85 -7.32 -8.68 -0.37
C GLU A 85 -6.36 -9.76 0.15
N ILE A 86 -5.13 -9.74 -0.36
CA ILE A 86 -4.13 -10.71 0.09
C ILE A 86 -3.85 -10.47 1.58
N ALA A 87 -3.82 -9.21 1.99
CA ALA A 87 -3.54 -8.85 3.38
C ALA A 87 -4.58 -9.39 4.37
N ASN A 88 -5.80 -9.59 3.91
CA ASN A 88 -6.88 -10.12 4.76
C ASN A 88 -6.91 -9.36 6.10
N LEU A 89 -7.04 -8.05 5.99
CA LEU A 89 -7.05 -7.18 7.15
C LEU A 89 -8.28 -7.29 8.03
N LYS A 90 -8.05 -7.19 9.33
CA LYS A 90 -9.10 -7.27 10.33
C LYS A 90 -8.94 -6.12 11.32
N PRO A 91 -10.04 -5.72 11.97
CA PRO A 91 -9.99 -4.63 12.94
C PRO A 91 -8.94 -4.94 14.02
N GLY A 92 -8.20 -3.93 14.45
CA GLY A 92 -7.22 -4.13 15.50
C GLY A 92 -5.83 -4.56 15.08
N MET A 93 -5.66 -5.00 13.84
CA MET A 93 -4.35 -5.42 13.38
C MET A 93 -3.39 -4.24 13.37
N ASN A 94 -2.11 -4.55 13.55
CA ASN A 94 -1.05 -3.56 13.56
C ASN A 94 -0.33 -3.71 12.22
N ILE A 95 -0.52 -2.71 11.36
CA ILE A 95 0.03 -2.73 10.01
C ILE A 95 1.11 -1.69 9.72
N LEU A 96 2.12 -2.11 8.99
CA LEU A 96 3.19 -1.23 8.55
C LEU A 96 3.18 -1.21 7.03
N GLU A 97 3.11 -0.03 6.46
CA GLU A 97 3.19 0.11 5.01
C GLU A 97 4.54 0.72 4.70
N VAL A 98 5.23 0.15 3.73
CA VAL A 98 6.52 0.70 3.32
C VAL A 98 6.29 1.34 1.95
N GLY A 99 6.43 2.67 1.90
CA GLY A 99 6.25 3.41 0.67
C GLY A 99 4.93 4.17 0.66
N THR A 100 4.83 5.20 1.49
CA THR A 100 3.60 5.97 1.60
C THR A 100 3.09 6.60 0.31
N GLY A 101 3.99 7.24 -0.43
CA GLY A 101 3.57 7.88 -1.66
C GLY A 101 2.55 8.97 -1.41
N SER A 102 1.33 8.76 -1.92
CA SER A 102 0.23 9.70 -1.77
C SER A 102 -0.55 9.54 -0.48
N GLY A 103 -0.35 8.40 0.18
CA GLY A 103 -1.06 8.11 1.42
C GLY A 103 -2.39 7.39 1.17
N TRP A 104 -2.74 7.19 -0.09
CA TRP A 104 -4.01 6.54 -0.43
C TRP A 104 -4.15 5.14 0.17
N ASN A 105 -3.16 4.29 -0.08
CA ASN A 105 -3.20 2.93 0.44
C ASN A 105 -3.29 2.92 1.97
N ALA A 106 -2.52 3.77 2.63
CA ALA A 106 -2.54 3.80 4.09
C ALA A 106 -3.92 4.19 4.61
N ALA A 107 -4.57 5.14 3.93
CA ALA A 107 -5.91 5.56 4.33
C ALA A 107 -6.86 4.38 4.22
N LEU A 108 -6.76 3.64 3.13
CA LEU A 108 -7.61 2.47 2.92
C LEU A 108 -7.39 1.45 4.04
N ILE A 109 -6.13 1.17 4.33
CA ILE A 109 -5.78 0.23 5.38
C ILE A 109 -6.40 0.66 6.71
N SER A 110 -6.27 1.95 7.05
CA SER A 110 -6.79 2.46 8.31
C SER A 110 -8.30 2.29 8.42
N GLU A 111 -9.02 2.43 7.31
CA GLU A 111 -10.46 2.29 7.33
C GLU A 111 -10.87 0.86 7.69
N ILE A 112 -10.03 -0.11 7.31
CA ILE A 112 -10.35 -1.50 7.60
C ILE A 112 -9.90 -1.93 8.99
N VAL A 113 -8.70 -1.54 9.42
CA VAL A 113 -8.21 -1.96 10.73
C VAL A 113 -8.71 -1.14 11.92
N LYS A 114 -9.30 0.01 11.66
CA LYS A 114 -9.87 0.85 12.72
C LYS A 114 -8.91 1.19 13.85
N THR A 115 -7.62 1.31 13.53
CA THR A 115 -6.64 1.65 14.55
C THR A 115 -5.45 2.32 13.88
N ASP A 116 -4.44 2.63 14.66
CA ASP A 116 -3.24 3.29 14.16
C ASP A 116 -2.55 2.46 13.08
N VAL A 117 -2.18 3.14 11.99
CA VAL A 117 -1.48 2.53 10.88
C VAL A 117 -0.17 3.29 10.72
N TYR A 118 0.93 2.57 10.54
CA TYR A 118 2.22 3.21 10.38
C TYR A 118 2.69 3.05 8.95
N THR A 119 3.11 4.16 8.35
CA THR A 119 3.60 4.11 6.97
C THR A 119 4.87 4.94 6.84
N ILE A 120 5.84 4.39 6.14
CA ILE A 120 7.13 5.05 5.98
C ILE A 120 7.41 5.45 4.55
N GLU A 121 8.01 6.63 4.39
CA GLU A 121 8.34 7.19 3.08
C GLU A 121 9.73 7.80 3.15
N ARG A 122 10.55 7.55 2.14
CA ARG A 122 11.92 8.07 2.14
C ARG A 122 12.09 9.47 1.57
N ILE A 123 11.12 9.93 0.78
CA ILE A 123 11.21 11.25 0.18
C ILE A 123 10.44 12.30 1.00
N PRO A 124 11.15 13.28 1.58
CA PRO A 124 10.52 14.32 2.38
C PRO A 124 9.33 15.00 1.70
N GLU A 125 9.47 15.27 0.40
CA GLU A 125 8.41 15.92 -0.34
C GLU A 125 7.12 15.11 -0.31
N LEU A 126 7.26 13.79 -0.40
CA LEU A 126 6.08 12.93 -0.38
C LEU A 126 5.53 12.74 1.03
N VAL A 127 6.40 12.82 2.04
CA VAL A 127 5.92 12.69 3.41
C VAL A 127 4.96 13.86 3.62
N GLU A 128 5.35 15.05 3.13
CA GLU A 128 4.50 16.23 3.27
C GLU A 128 3.24 16.09 2.42
N PHE A 129 3.41 15.62 1.19
CA PHE A 129 2.30 15.43 0.27
C PHE A 129 1.26 14.51 0.88
N ALA A 130 1.71 13.37 1.40
CA ALA A 130 0.82 12.40 2.01
C ALA A 130 0.13 12.95 3.25
N LYS A 131 0.88 13.61 4.12
CA LYS A 131 0.30 14.18 5.34
C LYS A 131 -0.81 15.17 4.99
N ARG A 132 -0.58 15.99 3.97
CA ARG A 132 -1.59 16.96 3.56
C ARG A 132 -2.85 16.26 3.04
N ASN A 133 -2.68 15.24 2.20
CA ASN A 133 -3.81 14.50 1.66
C ASN A 133 -4.63 13.83 2.76
N LEU A 134 -3.94 13.23 3.72
CA LEU A 134 -4.60 12.56 4.83
C LEU A 134 -5.35 13.54 5.73
N GLU A 135 -4.72 14.66 6.05
CA GLU A 135 -5.34 15.67 6.89
C GLU A 135 -6.59 16.22 6.19
N ARG A 136 -6.43 16.53 4.90
CA ARG A 136 -7.53 17.07 4.11
C ARG A 136 -8.72 16.10 4.09
N ALA A 137 -8.42 14.80 4.07
CA ALA A 137 -9.46 13.78 4.04
C ALA A 137 -9.98 13.42 5.42
N GLY A 138 -9.44 14.04 6.46
CA GLY A 138 -9.88 13.78 7.81
C GLY A 138 -9.34 12.51 8.45
N VAL A 139 -8.28 11.96 7.88
CA VAL A 139 -7.68 10.75 8.42
C VAL A 139 -6.73 11.10 9.57
N LYS A 140 -6.92 10.45 10.72
CA LYS A 140 -6.09 10.71 11.88
C LYS A 140 -5.27 9.50 12.31
N ASN A 141 -5.78 8.31 12.02
CA ASN A 141 -5.09 7.09 12.42
C ASN A 141 -3.87 6.69 11.60
N VAL A 142 -3.60 7.41 10.51
CA VAL A 142 -2.43 7.11 9.70
C VAL A 142 -1.24 7.96 10.14
N HIS A 143 -0.14 7.29 10.45
CA HIS A 143 1.05 7.98 10.92
C HIS A 143 2.20 7.82 9.94
N VAL A 144 2.53 8.93 9.27
CA VAL A 144 3.57 8.95 8.26
C VAL A 144 4.93 9.28 8.87
N ILE A 145 5.91 8.43 8.58
CA ILE A 145 7.26 8.59 9.10
C ILE A 145 8.26 8.72 7.96
N LEU A 146 9.20 9.66 8.12
CA LEU A 146 10.25 9.85 7.11
C LEU A 146 11.37 8.90 7.45
N GLY A 147 11.75 8.05 6.50
CA GLY A 147 12.83 7.12 6.76
C GLY A 147 13.01 6.04 5.72
N ASP A 148 13.93 5.13 6.01
CA ASP A 148 14.24 4.02 5.13
C ASP A 148 13.44 2.80 5.59
N GLY A 149 12.31 2.59 4.92
CA GLY A 149 11.43 1.47 5.24
C GLY A 149 11.97 0.08 4.99
N SER A 150 13.11 -0.05 4.32
CA SER A 150 13.67 -1.37 4.09
C SER A 150 14.17 -1.89 5.42
N LYS A 151 14.26 -0.99 6.39
CA LYS A 151 14.69 -1.32 7.75
C LYS A 151 13.46 -1.48 8.63
N GLY A 152 12.28 -1.38 8.00
CA GLY A 152 11.04 -1.51 8.73
C GLY A 152 10.83 -0.32 9.67
N PHE A 153 10.21 -0.58 10.81
CA PHE A 153 9.96 0.46 11.80
C PHE A 153 9.86 -0.22 13.16
N PRO A 154 11.02 -0.48 13.79
CA PRO A 154 11.10 -1.14 15.11
C PRO A 154 10.20 -0.61 16.23
N PRO A 155 10.05 0.71 16.36
CA PRO A 155 9.21 1.27 17.43
C PRO A 155 7.82 0.65 17.63
N LYS A 156 7.18 0.25 16.53
CA LYS A 156 5.86 -0.33 16.63
C LYS A 156 5.78 -1.80 16.21
N ALA A 157 6.93 -2.44 16.02
CA ALA A 157 6.95 -3.85 15.65
C ALA A 157 6.62 -4.67 16.89
N PRO A 158 6.14 -5.91 16.73
CA PRO A 158 5.90 -6.63 15.46
C PRO A 158 4.56 -6.30 14.82
N TYR A 159 4.46 -6.58 13.52
CA TYR A 159 3.27 -6.31 12.74
C TYR A 159 2.52 -7.53 12.25
N ASP A 160 1.21 -7.39 12.11
CA ASP A 160 0.37 -8.48 11.60
C ASP A 160 0.63 -8.60 10.10
N VAL A 161 0.76 -7.46 9.44
CA VAL A 161 1.04 -7.43 8.01
C VAL A 161 1.93 -6.24 7.69
N ILE A 162 2.87 -6.45 6.78
CA ILE A 162 3.75 -5.39 6.31
C ILE A 162 3.50 -5.40 4.80
N ILE A 163 3.06 -4.26 4.29
CA ILE A 163 2.75 -4.11 2.86
C ILE A 163 3.77 -3.17 2.24
N VAL A 164 4.59 -3.71 1.35
CA VAL A 164 5.63 -2.93 0.69
C VAL A 164 5.19 -2.57 -0.72
N THR A 165 5.21 -1.29 -1.03
CA THR A 165 4.74 -0.80 -2.33
C THR A 165 5.86 -0.30 -3.25
N ALA A 166 7.05 -0.86 -3.07
CA ALA A 166 8.22 -0.52 -3.88
C ALA A 166 8.96 -1.85 -4.06
N GLY A 167 9.57 -2.03 -5.22
CA GLY A 167 10.27 -3.28 -5.51
C GLY A 167 11.64 -3.46 -4.90
N ALA A 168 11.87 -4.64 -4.33
CA ALA A 168 13.14 -4.95 -3.70
C ALA A 168 13.88 -6.03 -4.49
N PRO A 169 15.23 -6.05 -4.39
CA PRO A 169 16.04 -7.04 -5.09
C PRO A 169 15.94 -8.42 -4.45
N LYS A 170 15.52 -8.44 -3.19
CA LYS A 170 15.35 -9.66 -2.40
C LYS A 170 14.50 -9.29 -1.19
N ILE A 171 14.10 -10.29 -0.40
CA ILE A 171 13.29 -10.01 0.78
C ILE A 171 14.14 -9.44 1.91
N PRO A 172 13.84 -8.20 2.36
CA PRO A 172 14.59 -7.56 3.44
C PRO A 172 14.44 -8.33 4.76
N GLU A 173 15.55 -8.77 5.34
CA GLU A 173 15.50 -9.52 6.58
C GLU A 173 14.81 -8.75 7.71
N PRO A 174 15.02 -7.43 7.82
CA PRO A 174 14.36 -6.68 8.90
C PRO A 174 12.84 -6.78 8.85
N LEU A 175 12.28 -6.84 7.64
CA LEU A 175 10.84 -6.92 7.51
C LEU A 175 10.32 -8.27 7.99
N ILE A 176 11.09 -9.33 7.75
CA ILE A 176 10.68 -10.65 8.22
C ILE A 176 10.77 -10.70 9.75
N GLU A 177 11.83 -10.13 10.29
CA GLU A 177 12.04 -10.12 11.74
C GLU A 177 10.94 -9.35 12.47
N GLN A 178 10.41 -8.32 11.83
CA GLN A 178 9.37 -7.50 12.43
C GLN A 178 7.95 -8.02 12.28
N LEU A 179 7.79 -9.20 11.70
CA LEU A 179 6.47 -9.79 11.54
C LEU A 179 6.10 -10.59 12.78
N LYS A 180 4.83 -10.55 13.15
CA LYS A 180 4.35 -11.33 14.29
C LYS A 180 4.35 -12.76 13.78
N ILE A 181 4.37 -13.72 14.69
CA ILE A 181 4.31 -15.12 14.27
C ILE A 181 2.93 -15.25 13.61
N GLY A 182 2.89 -15.79 12.41
CA GLY A 182 1.63 -15.94 11.71
C GLY A 182 1.33 -14.71 10.85
N GLY A 183 2.20 -13.71 10.95
CA GLY A 183 2.01 -12.51 10.16
C GLY A 183 2.48 -12.69 8.73
N LYS A 184 2.22 -11.69 7.88
CA LYS A 184 2.65 -11.80 6.49
C LYS A 184 3.20 -10.51 5.91
N LEU A 185 4.13 -10.68 4.98
CA LEU A 185 4.79 -9.60 4.28
C LEU A 185 4.37 -9.70 2.82
N ILE A 186 3.87 -8.60 2.26
CA ILE A 186 3.48 -8.56 0.86
C ILE A 186 4.49 -7.61 0.23
N ILE A 187 5.23 -8.10 -0.76
CA ILE A 187 6.29 -7.29 -1.32
C ILE A 187 6.69 -7.69 -2.75
N PRO A 188 7.03 -6.70 -3.59
CA PRO A 188 7.44 -7.03 -4.96
C PRO A 188 8.94 -7.31 -4.92
N VAL A 189 9.36 -8.41 -5.53
CA VAL A 189 10.78 -8.76 -5.57
C VAL A 189 11.21 -9.08 -7.00
N GLY A 190 12.30 -8.46 -7.43
CA GLY A 190 12.79 -8.68 -8.77
C GLY A 190 13.77 -7.61 -9.17
N SER A 191 13.70 -7.17 -10.43
CA SER A 191 14.60 -6.15 -10.93
C SER A 191 14.24 -4.74 -10.50
N TYR A 192 15.14 -3.79 -10.76
CA TYR A 192 14.99 -2.40 -10.36
C TYR A 192 13.63 -1.73 -10.51
N HIS A 193 13.12 -1.62 -11.72
CA HIS A 193 11.83 -0.98 -11.94
C HIS A 193 10.97 -1.79 -12.89
N LEU A 194 11.36 -3.04 -13.08
CA LEU A 194 10.65 -3.94 -13.97
C LEU A 194 10.95 -5.39 -13.59
N TRP A 195 10.22 -6.33 -14.19
CA TRP A 195 10.42 -7.75 -13.92
C TRP A 195 10.42 -8.10 -12.43
N GLN A 196 9.33 -7.74 -11.75
CA GLN A 196 9.18 -8.04 -10.33
C GLN A 196 8.02 -9.02 -10.15
N GLU A 197 8.11 -9.83 -9.10
CA GLU A 197 7.09 -10.81 -8.78
C GLU A 197 6.48 -10.36 -7.45
N LEU A 198 5.15 -10.36 -7.37
CA LEU A 198 4.50 -9.96 -6.13
C LEU A 198 4.50 -11.16 -5.19
N LEU A 199 5.21 -11.03 -4.08
CA LEU A 199 5.30 -12.12 -3.13
C LEU A 199 4.46 -11.94 -1.87
N GLU A 200 3.93 -13.05 -1.39
CA GLU A 200 3.18 -13.10 -0.15
C GLU A 200 4.08 -13.99 0.70
N VAL A 201 4.65 -13.43 1.75
CA VAL A 201 5.59 -14.15 2.63
C VAL A 201 4.98 -14.31 4.02
N ARG A 202 4.72 -15.55 4.42
CA ARG A 202 4.13 -15.80 5.73
C ARG A 202 5.17 -16.37 6.69
N LYS A 203 5.22 -15.78 7.88
CA LYS A 203 6.17 -16.22 8.92
C LYS A 203 5.44 -17.19 9.85
N THR A 204 5.75 -18.47 9.74
CA THR A 204 5.10 -19.48 10.58
C THR A 204 6.12 -20.28 11.38
N LYS A 205 5.63 -21.07 12.32
CA LYS A 205 6.50 -21.91 13.14
C LYS A 205 7.09 -22.99 12.26
N ASP A 206 6.40 -23.29 11.16
CA ASP A 206 6.85 -24.30 10.21
C ASP A 206 7.79 -23.68 9.18
N GLY A 207 8.20 -22.44 9.45
CA GLY A 207 9.11 -21.75 8.56
C GLY A 207 8.46 -20.64 7.74
N ILE A 208 9.27 -20.00 6.90
CA ILE A 208 8.79 -18.93 6.05
C ILE A 208 8.15 -19.56 4.83
N LYS A 209 6.87 -19.25 4.60
CA LYS A 209 6.13 -19.79 3.45
C LYS A 209 5.91 -18.67 2.44
N ILE A 210 6.18 -18.95 1.17
CA ILE A 210 6.04 -17.96 0.12
C ILE A 210 5.12 -18.37 -1.01
N LYS A 211 4.28 -17.43 -1.44
CA LYS A 211 3.37 -17.65 -2.56
C LYS A 211 3.61 -16.54 -3.57
N ASN A 212 3.86 -16.91 -4.83
CA ASN A 212 4.08 -15.93 -5.88
C ASN A 212 2.72 -15.54 -6.46
N HIS A 213 2.50 -14.24 -6.64
CA HIS A 213 1.22 -13.75 -7.14
C HIS A 213 1.23 -13.08 -8.52
N GLY A 214 2.33 -13.23 -9.26
CA GLY A 214 2.38 -12.65 -10.59
C GLY A 214 3.33 -11.47 -10.80
N GLY A 215 3.54 -11.13 -12.07
CA GLY A 215 4.43 -10.04 -12.41
C GLY A 215 3.86 -8.66 -12.18
N VAL A 216 4.72 -7.76 -11.70
CA VAL A 216 4.35 -6.38 -11.41
C VAL A 216 5.56 -5.49 -11.71
N ALA A 217 5.40 -4.17 -11.64
CA ALA A 217 6.50 -3.26 -11.92
C ALA A 217 6.48 -1.97 -11.10
N PHE A 218 6.71 -2.09 -9.80
CA PHE A 218 6.72 -0.96 -8.89
C PHE A 218 8.02 -0.16 -8.94
N VAL A 219 7.98 1.06 -8.41
CA VAL A 219 9.16 1.89 -8.34
C VAL A 219 10.11 1.12 -7.42
N PRO A 220 11.42 1.38 -7.52
CA PRO A 220 12.35 0.66 -6.65
C PRO A 220 12.36 1.06 -5.17
N LEU A 221 12.58 0.06 -4.31
CA LEU A 221 12.70 0.26 -2.87
C LEU A 221 14.16 0.64 -2.68
N ILE A 222 14.42 1.92 -2.42
CA ILE A 222 15.78 2.41 -2.25
C ILE A 222 16.14 2.50 -0.78
N GLY A 223 17.17 1.75 -0.37
CA GLY A 223 17.58 1.78 1.03
C GLY A 223 18.62 0.75 1.39
N GLU A 224 18.99 0.73 2.67
CA GLU A 224 20.00 -0.18 3.19
C GLU A 224 19.73 -1.64 2.82
N TYR A 225 18.47 -2.05 2.88
CA TYR A 225 18.11 -3.42 2.54
C TYR A 225 17.29 -3.47 1.26
N GLY A 226 17.51 -2.47 0.41
CA GLY A 226 16.83 -2.41 -0.86
C GLY A 226 17.85 -2.15 -1.96
N TRP A 227 17.54 -1.24 -2.87
CA TRP A 227 18.45 -0.89 -3.96
C TRP A 227 19.32 0.28 -3.56
N LYS A 228 20.47 0.42 -4.20
CA LYS A 228 21.40 1.51 -3.91
C LYS A 228 21.09 2.72 -4.78
#